data_2F51
#
_entry.id   2F51
#
_cell.length_a   33.882
_cell.length_b   33.923
_cell.length_c   50.497
_cell.angle_alpha   106.20
_cell.angle_beta   109.02
_cell.angle_gamma   91.68
#
_symmetry.space_group_name_H-M   'P 1'
#
loop_
_entity.id
_entity.type
_entity.pdbx_description
1 polymer thioredoxin
2 water water
#
_entity_poly.entity_id   1
_entity_poly.type   'polypeptide(L)'
_entity_poly.pdbx_seq_one_letter_code
;MSDPIVHFNGTHEALLNRIKEAPGLVLVDFFATWCGPCQRLGQILPSIAEANKDVTFIKVDVDKNGNAADAYGVSSIPAL
FFVKKEGNEIKTLDQFVGADVSRIKADIEKFKHHHHHH
;
_entity_poly.pdbx_strand_id   A,B
#
# COMPACT_ATOMS: atom_id res chain seq x y z
N SER A 2 17.40 10.25 -10.63
CA SER A 2 16.20 10.96 -11.16
C SER A 2 14.95 10.09 -11.03
N ASP A 3 13.79 10.72 -10.91
CA ASP A 3 12.51 10.02 -10.86
C ASP A 3 12.32 9.12 -12.09
N PRO A 4 12.27 7.79 -11.88
CA PRO A 4 12.11 6.89 -13.03
C PRO A 4 10.67 6.74 -13.53
N ILE A 5 9.69 7.07 -12.69
CA ILE A 5 8.28 6.89 -13.01
CA ILE A 5 8.29 6.88 -13.03
C ILE A 5 7.83 7.94 -14.03
N VAL A 6 7.11 7.50 -15.05
CA VAL A 6 6.52 8.40 -16.04
C VAL A 6 5.15 8.84 -15.52
N HIS A 7 4.99 10.13 -15.26
CA HIS A 7 3.73 10.69 -14.81
C HIS A 7 3.03 11.24 -16.03
N PHE A 8 2.19 10.40 -16.62
CA PHE A 8 1.62 10.68 -17.93
C PHE A 8 0.52 11.74 -17.87
N ASN A 9 0.51 12.59 -18.88
CA ASN A 9 -0.53 13.60 -19.07
CA ASN A 9 -0.52 13.61 -19.07
C ASN A 9 -0.78 13.73 -20.57
N GLY A 10 -1.99 13.42 -20.99
CA GLY A 10 -2.34 13.51 -22.40
C GLY A 10 -3.57 12.68 -22.78
N THR A 11 -3.79 12.57 -24.08
CA THR A 11 -4.94 11.90 -24.65
C THR A 11 -4.68 10.41 -24.74
N HIS A 12 -5.72 9.66 -25.09
CA HIS A 12 -5.58 8.23 -25.34
C HIS A 12 -4.51 7.95 -26.40
N GLU A 13 -4.57 8.65 -27.53
CA GLU A 13 -3.55 8.45 -28.58
C GLU A 13 -2.15 8.82 -28.09
N ALA A 14 -2.03 9.90 -27.32
CA ALA A 14 -0.76 10.25 -26.70
C ALA A 14 -0.24 9.12 -25.81
N LEU A 15 -1.12 8.50 -25.03
CA LEU A 15 -0.75 7.36 -24.18
CA LEU A 15 -0.73 7.37 -24.18
C LEU A 15 -0.24 6.19 -25.03
N LEU A 16 -1.00 5.85 -26.07
CA LEU A 16 -0.59 4.74 -26.95
C LEU A 16 0.79 5.00 -27.59
N ASN A 17 1.00 6.22 -28.07
CA ASN A 17 2.29 6.57 -28.65
C ASN A 17 3.43 6.53 -27.64
N ARG A 18 3.17 6.96 -26.40
CA ARG A 18 4.20 6.91 -25.36
C ARG A 18 4.59 5.46 -25.06
N ILE A 19 3.59 4.58 -24.97
CA ILE A 19 3.82 3.15 -24.74
C ILE A 19 4.71 2.61 -25.86
N LYS A 20 4.41 2.99 -27.11
CA LYS A 20 5.18 2.52 -28.27
C LYS A 20 6.59 3.10 -28.32
N GLU A 21 6.82 4.21 -27.61
CA GLU A 21 8.19 4.75 -27.46
C GLU A 21 9.10 3.92 -26.52
N ALA A 22 8.52 3.09 -25.65
CA ALA A 22 9.30 2.31 -24.70
C ALA A 22 10.20 1.27 -25.40
N PRO A 23 11.42 1.08 -24.88
CA PRO A 23 12.34 0.08 -25.45
C PRO A 23 12.01 -1.38 -25.11
N GLY A 24 11.29 -1.60 -24.02
CA GLY A 24 10.93 -2.94 -23.58
C GLY A 24 9.58 -3.03 -22.91
N LEU A 25 9.52 -3.83 -21.85
CA LEU A 25 8.31 -4.01 -21.07
C LEU A 25 7.82 -2.68 -20.51
N VAL A 26 6.51 -2.53 -20.48
CA VAL A 26 5.94 -1.40 -19.79
CA VAL A 26 5.84 -1.39 -19.89
C VAL A 26 4.79 -1.86 -18.88
N LEU A 27 4.75 -1.23 -17.70
CA LEU A 27 3.63 -1.35 -16.77
CA LEU A 27 3.64 -1.35 -16.76
C LEU A 27 2.89 -0.02 -16.75
N VAL A 28 1.61 -0.07 -17.10
CA VAL A 28 0.75 1.12 -17.03
C VAL A 28 -0.14 0.94 -15.79
N ASP A 29 -0.11 1.92 -14.89
CA ASP A 29 -0.92 1.94 -13.67
C ASP A 29 -1.93 3.10 -13.76
N PHE A 30 -3.20 2.77 -14.02
CA PHE A 30 -4.28 3.73 -13.92
C PHE A 30 -4.78 3.80 -12.48
N PHE A 31 -4.78 4.99 -11.91
CA PHE A 31 -5.02 5.19 -10.49
C PHE A 31 -5.79 6.49 -10.25
N ALA A 32 -6.35 6.62 -9.04
CA ALA A 32 -6.87 7.87 -8.52
C ALA A 32 -6.21 8.13 -7.16
N THR A 33 -6.02 9.41 -6.83
CA THR A 33 -5.30 9.81 -5.62
C THR A 33 -6.07 9.52 -4.31
N TRP A 34 -7.39 9.40 -4.42
CA TRP A 34 -8.25 9.15 -3.26
C TRP A 34 -8.45 7.64 -2.98
N CYS A 35 -7.97 6.82 -3.89
CA CYS A 35 -8.11 5.37 -3.81
CA CYS A 35 -8.09 5.36 -3.87
C CYS A 35 -7.01 4.75 -2.95
N GLY A 36 -7.43 4.06 -1.88
CA GLY A 36 -6.51 3.48 -0.91
C GLY A 36 -5.50 2.48 -1.45
N PRO A 37 -5.98 1.41 -2.13
CA PRO A 37 -5.08 0.47 -2.81
C PRO A 37 -4.12 1.18 -3.78
N CYS A 38 -4.62 2.17 -4.52
CA CYS A 38 -3.78 2.97 -5.42
CA CYS A 38 -3.79 2.96 -5.42
C CYS A 38 -2.68 3.69 -4.66
N GLN A 39 -3.04 4.28 -3.53
CA GLN A 39 -2.10 5.02 -2.70
C GLN A 39 -1.00 4.08 -2.19
N ARG A 40 -1.41 2.90 -1.77
CA ARG A 40 -0.47 1.93 -1.20
CA ARG A 40 -0.47 1.94 -1.20
C ARG A 40 0.47 1.38 -2.27
N LEU A 41 -0.07 1.11 -3.46
CA LEU A 41 0.75 0.75 -4.62
C LEU A 41 1.71 1.88 -5.00
N GLY A 42 1.21 3.11 -5.00
CA GLY A 42 2.03 4.28 -5.35
C GLY A 42 3.23 4.51 -4.47
N GLN A 43 3.16 4.05 -3.22
CA GLN A 43 4.27 4.23 -2.30
CA GLN A 43 4.24 4.18 -2.26
C GLN A 43 5.41 3.26 -2.60
N ILE A 44 5.12 2.11 -3.21
CA ILE A 44 6.17 1.12 -3.47
CA ILE A 44 6.14 1.08 -3.47
C ILE A 44 6.63 1.06 -4.94
N LEU A 45 5.84 1.60 -5.86
CA LEU A 45 6.21 1.58 -7.28
CA LEU A 45 6.22 1.59 -7.28
C LEU A 45 7.59 2.21 -7.55
N PRO A 46 7.91 3.35 -6.93
CA PRO A 46 9.23 3.95 -7.23
C PRO A 46 10.42 3.03 -6.95
N SER A 47 10.35 2.25 -5.86
CA SER A 47 11.37 1.26 -5.55
C SER A 47 11.46 0.15 -6.59
N ILE A 48 10.30 -0.35 -7.05
CA ILE A 48 10.27 -1.36 -8.12
C ILE A 48 10.83 -0.78 -9.40
N ALA A 49 10.48 0.47 -9.70
CA ALA A 49 10.95 1.12 -10.92
C ALA A 49 12.45 1.33 -10.92
N GLU A 50 13.00 1.73 -9.78
CA GLU A 50 14.44 2.00 -9.61
C GLU A 50 15.27 0.74 -9.82
N ALA A 51 14.73 -0.40 -9.37
CA ALA A 51 15.40 -1.70 -9.49
C ALA A 51 15.22 -2.38 -10.85
N ASN A 52 14.33 -1.84 -11.68
CA ASN A 52 14.02 -2.43 -12.99
C ASN A 52 13.99 -1.34 -14.05
N LYS A 53 15.17 -0.78 -14.34
CA LYS A 53 15.29 0.35 -15.27
CA LYS A 53 15.25 0.35 -15.26
C LYS A 53 15.02 -0.08 -16.71
N ASP A 54 15.08 -1.38 -16.97
CA ASP A 54 14.73 -1.94 -18.28
C ASP A 54 13.21 -1.93 -18.55
N VAL A 55 12.41 -1.64 -17.52
CA VAL A 55 10.94 -1.60 -17.61
CA VAL A 55 10.96 -1.57 -17.72
C VAL A 55 10.50 -0.15 -17.45
N THR A 56 9.51 0.27 -18.24
CA THR A 56 8.96 1.63 -18.18
C THR A 56 7.68 1.62 -17.37
N PHE A 57 7.65 2.40 -16.30
CA PHE A 57 6.49 2.45 -15.43
C PHE A 57 5.72 3.73 -15.72
N ILE A 58 4.50 3.59 -16.22
CA ILE A 58 3.67 4.73 -16.60
CA ILE A 58 3.65 4.71 -16.63
C ILE A 58 2.44 4.83 -15.70
N LYS A 59 2.34 5.95 -14.97
CA LYS A 59 1.20 6.20 -14.10
C LYS A 59 0.25 7.19 -14.77
N VAL A 60 -1.03 6.83 -14.77
CA VAL A 60 -2.05 7.62 -15.42
C VAL A 60 -3.16 7.93 -14.42
N ASP A 61 -3.17 9.17 -13.95
CA ASP A 61 -4.19 9.66 -13.02
C ASP A 61 -5.50 9.80 -13.81
N VAL A 62 -6.50 9.04 -13.37
CA VAL A 62 -7.76 8.94 -14.12
C VAL A 62 -8.60 10.21 -14.04
N ASP A 63 -8.36 10.99 -13.00
CA ASP A 63 -9.04 12.29 -12.85
C ASP A 63 -8.49 13.37 -13.79
N LYS A 64 -7.19 13.35 -14.03
CA LYS A 64 -6.61 14.34 -14.96
CA LYS A 64 -6.55 14.31 -14.94
C LYS A 64 -6.52 13.83 -16.38
N ASN A 65 -6.61 12.51 -16.56
CA ASN A 65 -6.56 11.89 -17.88
C ASN A 65 -7.75 10.97 -18.09
N GLY A 66 -8.94 11.55 -17.91
CA GLY A 66 -10.20 10.84 -18.02
C GLY A 66 -10.45 10.26 -19.39
N ASN A 67 -10.18 11.03 -20.43
CA ASN A 67 -10.36 10.55 -21.80
C ASN A 67 -9.47 9.36 -22.12
N ALA A 68 -8.20 9.44 -21.72
CA ALA A 68 -7.25 8.32 -21.91
C ALA A 68 -7.73 7.05 -21.22
N ALA A 69 -8.10 7.19 -19.95
CA ALA A 69 -8.56 6.05 -19.14
C ALA A 69 -9.84 5.44 -19.68
N ASP A 70 -10.80 6.31 -20.01
CA ASP A 70 -12.10 5.87 -20.50
C ASP A 70 -11.94 5.16 -21.84
N ALA A 71 -11.08 5.70 -22.70
CA ALA A 71 -10.82 5.14 -24.03
C ALA A 71 -10.01 3.85 -23.95
N TYR A 72 -9.19 3.72 -22.92
CA TYR A 72 -8.41 2.50 -22.69
C TYR A 72 -9.25 1.38 -22.07
N GLY A 73 -10.48 1.71 -21.68
CA GLY A 73 -11.40 0.73 -21.15
C GLY A 73 -11.33 0.51 -19.65
N VAL A 74 -10.76 1.47 -18.92
CA VAL A 74 -10.57 1.35 -17.48
C VAL A 74 -11.86 1.67 -16.75
N SER A 75 -12.19 0.87 -15.74
CA SER A 75 -13.35 1.11 -14.89
C SER A 75 -12.85 1.08 -13.45
N SER A 76 -12.71 -0.11 -12.86
CA SER A 76 -12.18 -0.23 -11.51
C SER A 76 -10.67 0.05 -11.44
N ILE A 77 -10.20 0.48 -10.27
CA ILE A 77 -8.80 0.84 -10.08
C ILE A 77 -8.20 0.24 -8.81
N PRO A 78 -6.85 0.17 -8.71
CA PRO A 78 -5.86 0.51 -9.73
C PRO A 78 -5.91 -0.53 -10.85
N ALA A 79 -5.81 -0.08 -12.09
CA ALA A 79 -5.88 -0.96 -13.22
C ALA A 79 -4.48 -1.05 -13.78
N LEU A 80 -3.92 -2.26 -13.74
CA LEU A 80 -2.57 -2.54 -14.20
C LEU A 80 -2.60 -3.28 -15.53
N PHE A 81 -1.70 -2.88 -16.42
CA PHE A 81 -1.50 -3.53 -17.71
C PHE A 81 -0.01 -3.67 -17.99
N PHE A 82 0.45 -4.91 -18.19
CA PHE A 82 1.80 -5.18 -18.69
C PHE A 82 1.68 -5.32 -20.17
N VAL A 83 2.36 -4.44 -20.89
CA VAL A 83 2.32 -4.37 -22.33
C VAL A 83 3.72 -4.24 -22.92
N LYS A 84 3.80 -4.52 -24.22
CA LYS A 84 5.05 -4.41 -24.94
C LYS A 84 4.72 -4.10 -26.41
N LYS A 85 5.50 -3.21 -27.03
CA LYS A 85 5.34 -2.91 -28.46
C LYS A 85 5.62 -4.15 -29.28
N GLU A 86 4.73 -4.41 -30.23
CA GLU A 86 4.83 -5.54 -31.12
C GLU A 86 4.55 -5.01 -32.54
N GLY A 87 5.61 -4.79 -33.30
CA GLY A 87 5.50 -4.12 -34.60
C GLY A 87 4.93 -2.74 -34.36
N ASN A 88 3.84 -2.42 -35.05
CA ASN A 88 3.15 -1.14 -34.86
C ASN A 88 1.91 -1.28 -33.97
N GLU A 89 1.87 -2.39 -33.21
CA GLU A 89 0.78 -2.66 -32.29
C GLU A 89 1.31 -2.93 -30.88
N ILE A 90 0.42 -2.80 -29.90
CA ILE A 90 0.77 -3.04 -28.51
CA ILE A 90 0.77 -3.07 -28.51
C ILE A 90 0.21 -4.43 -28.11
N LYS A 91 1.09 -5.30 -27.61
CA LYS A 91 0.70 -6.62 -27.09
C LYS A 91 0.53 -6.52 -25.57
N THR A 92 -0.60 -7.00 -25.06
CA THR A 92 -0.86 -7.04 -23.62
C THR A 92 -0.47 -8.41 -23.06
N LEU A 93 0.43 -8.41 -22.08
CA LEU A 93 1.00 -9.63 -21.52
CA LEU A 93 1.00 -9.64 -21.53
C LEU A 93 0.24 -10.10 -20.28
N ASP A 94 -0.23 -9.14 -19.50
CA ASP A 94 -1.05 -9.43 -18.35
C ASP A 94 -1.84 -8.17 -18.00
N GLN A 95 -2.98 -8.36 -17.35
CA GLN A 95 -3.76 -7.23 -16.88
C GLN A 95 -4.59 -7.67 -15.68
N PHE A 96 -4.76 -6.76 -14.74
CA PHE A 96 -5.56 -7.01 -13.56
C PHE A 96 -5.87 -5.71 -12.84
N VAL A 97 -6.86 -5.80 -11.95
CA VAL A 97 -7.27 -4.70 -11.10
C VAL A 97 -6.89 -5.04 -9.66
N GLY A 98 -6.32 -4.08 -8.95
CA GLY A 98 -5.94 -4.26 -7.55
C GLY A 98 -4.45 -4.10 -7.33
N ALA A 99 -4.09 -3.77 -6.08
CA ALA A 99 -2.70 -3.51 -5.73
C ALA A 99 -1.97 -4.80 -5.39
N ASP A 100 -1.94 -5.71 -6.38
CA ASP A 100 -1.33 -7.01 -6.20
C ASP A 100 0.15 -6.88 -6.48
N VAL A 101 0.88 -6.45 -5.45
CA VAL A 101 2.30 -6.17 -5.56
C VAL A 101 3.09 -7.41 -5.94
N SER A 102 2.72 -8.54 -5.36
CA SER A 102 3.42 -9.80 -5.58
C SER A 102 3.31 -10.23 -7.07
N ARG A 103 2.15 -10.02 -7.68
CA ARG A 103 1.96 -10.37 -9.09
CA ARG A 103 1.92 -10.34 -9.09
C ARG A 103 2.70 -9.39 -10.01
N ILE A 104 2.76 -8.12 -9.61
CA ILE A 104 3.58 -7.14 -10.32
C ILE A 104 5.02 -7.61 -10.38
N LYS A 105 5.58 -7.95 -9.21
CA LYS A 105 6.95 -8.42 -9.12
C LYS A 105 7.17 -9.71 -9.92
N ALA A 106 6.22 -10.63 -9.80
CA ALA A 106 6.32 -11.93 -10.48
C ALA A 106 6.27 -11.78 -11.99
N ASP A 107 5.39 -10.89 -12.46
CA ASP A 107 5.28 -10.59 -13.89
C ASP A 107 6.58 -9.97 -14.45
N ILE A 108 7.17 -9.04 -13.71
CA ILE A 108 8.44 -8.44 -14.12
C ILE A 108 9.53 -9.50 -14.25
N GLU A 109 9.64 -10.39 -13.26
CA GLU A 109 10.68 -11.42 -13.26
C GLU A 109 10.48 -12.45 -14.37
N LYS A 110 9.23 -12.82 -14.61
CA LYS A 110 8.89 -13.84 -15.58
C LYS A 110 9.11 -13.32 -16.99
N PHE A 111 8.64 -12.10 -17.24
CA PHE A 111 8.77 -11.52 -18.58
C PHE A 111 10.25 -11.26 -18.96
N LYS A 112 11.11 -11.00 -17.99
N LYS A 112 11.08 -10.95 -17.97
CA LYS A 112 12.55 -10.91 -18.23
CA LYS A 112 12.52 -10.86 -18.17
C LYS A 112 13.37 -11.37 -17.04
C LYS A 112 13.09 -12.24 -18.47
N SER B 2 0.44 -18.55 24.80
CA SER B 2 -0.57 -17.96 23.88
C SER B 2 0.01 -16.76 23.08
N ASP B 3 -0.60 -16.50 21.94
CA ASP B 3 -0.15 -15.47 20.99
C ASP B 3 -0.49 -14.08 21.53
N PRO B 4 0.53 -13.22 21.77
CA PRO B 4 0.27 -11.92 22.38
C PRO B 4 -0.24 -10.86 21.39
N ILE B 5 -0.45 -11.23 20.12
CA ILE B 5 -0.86 -10.29 19.09
C ILE B 5 -2.28 -10.62 18.66
N VAL B 6 -3.10 -9.58 18.51
CA VAL B 6 -4.42 -9.69 17.94
C VAL B 6 -4.30 -9.59 16.41
N HIS B 7 -4.77 -10.61 15.72
CA HIS B 7 -4.76 -10.60 14.26
C HIS B 7 -6.18 -10.31 13.84
N PHE B 8 -6.44 -9.06 13.48
CA PHE B 8 -7.80 -8.60 13.28
C PHE B 8 -8.27 -8.70 11.82
N ASN B 9 -9.49 -9.22 11.64
CA ASN B 9 -10.19 -9.19 10.37
C ASN B 9 -11.60 -8.70 10.58
N GLY B 10 -12.01 -7.74 9.77
CA GLY B 10 -13.33 -7.17 9.94
C GLY B 10 -13.48 -5.78 9.39
N THR B 11 -14.66 -5.23 9.60
CA THR B 11 -15.01 -3.91 9.10
C THR B 11 -14.36 -2.81 9.95
N HIS B 12 -14.42 -1.58 9.44
CA HIS B 12 -14.02 -0.42 10.22
C HIS B 12 -14.75 -0.35 11.57
N GLU B 13 -16.07 -0.53 11.54
CA GLU B 13 -16.90 -0.53 12.77
C GLU B 13 -16.49 -1.65 13.75
N ALA B 14 -16.18 -2.82 13.20
CA ALA B 14 -15.73 -3.94 14.03
C ALA B 14 -14.37 -3.66 14.66
N LEU B 15 -13.51 -2.94 13.94
CA LEU B 15 -12.19 -2.58 14.47
CA LEU B 15 -12.20 -2.56 14.47
C LEU B 15 -12.34 -1.60 15.64
N LEU B 16 -13.16 -0.56 15.46
CA LEU B 16 -13.43 0.40 16.53
C LEU B 16 -14.03 -0.28 17.76
N ASN B 17 -15.02 -1.16 17.55
CA ASN B 17 -15.62 -1.94 18.63
CA ASN B 17 -15.61 -1.93 18.64
C ASN B 17 -14.55 -2.75 19.38
N ARG B 18 -13.64 -3.37 18.64
CA ARG B 18 -12.54 -4.17 19.23
CA ARG B 18 -12.54 -4.17 19.23
C ARG B 18 -11.56 -3.30 20.02
N ILE B 19 -11.26 -2.12 19.49
CA ILE B 19 -10.39 -1.19 20.21
C ILE B 19 -11.03 -0.81 21.57
N LYS B 20 -12.35 -0.58 21.57
CA LYS B 20 -13.09 -0.19 22.76
CA LYS B 20 -13.05 -0.18 22.79
C LYS B 20 -13.18 -1.31 23.81
N GLU B 21 -12.91 -2.55 23.42
CA GLU B 21 -12.87 -3.67 24.37
C GLU B 21 -11.52 -3.72 25.10
N ALA B 22 -10.50 -3.08 24.53
CA ALA B 22 -9.16 -3.14 25.13
C ALA B 22 -9.16 -2.46 26.50
N PRO B 23 -8.40 -3.01 27.46
CA PRO B 23 -8.39 -2.40 28.79
C PRO B 23 -7.55 -1.11 28.93
N GLY B 24 -6.62 -0.89 28.02
CA GLY B 24 -5.69 0.24 28.10
C GLY B 24 -5.16 0.69 26.75
N LEU B 25 -3.86 0.96 26.68
CA LEU B 25 -3.23 1.39 25.43
C LEU B 25 -3.35 0.34 24.32
N VAL B 26 -3.60 0.82 23.10
CA VAL B 26 -3.68 -0.03 21.91
CA VAL B 26 -3.68 -0.03 21.91
C VAL B 26 -2.72 0.50 20.85
N LEU B 27 -1.96 -0.40 20.24
CA LEU B 27 -1.18 -0.09 19.05
C LEU B 27 -1.86 -0.87 17.89
N VAL B 28 -2.39 -0.15 16.92
CA VAL B 28 -2.90 -0.73 15.68
C VAL B 28 -1.82 -0.60 14.60
N ASP B 29 -1.52 -1.72 13.94
CA ASP B 29 -0.52 -1.83 12.88
C ASP B 29 -1.20 -2.28 11.58
N PHE B 30 -1.40 -1.36 10.65
CA PHE B 30 -1.87 -1.70 9.31
C PHE B 30 -0.66 -2.06 8.45
N PHE B 31 -0.69 -3.26 7.89
CA PHE B 31 0.47 -3.81 7.22
C PHE B 31 0.06 -4.61 5.97
N ALA B 32 1.07 -5.00 5.19
CA ALA B 32 0.90 -5.97 4.11
C ALA B 32 2.08 -6.95 4.13
N THR B 33 1.81 -8.21 3.79
CA THR B 33 2.81 -9.27 3.82
C THR B 33 3.92 -9.10 2.78
N TRP B 34 3.66 -8.34 1.72
CA TRP B 34 4.61 -8.08 0.64
C TRP B 34 5.55 -6.91 0.94
N CYS B 35 5.30 -6.21 2.05
CA CYS B 35 6.05 -5.01 2.43
CA CYS B 35 6.06 -5.01 2.44
C CYS B 35 7.23 -5.35 3.34
N GLY B 36 8.44 -5.06 2.88
CA GLY B 36 9.68 -5.25 3.66
C GLY B 36 9.69 -4.69 5.07
N PRO B 37 9.49 -3.36 5.20
CA PRO B 37 9.38 -2.71 6.49
C PRO B 37 8.32 -3.34 7.40
N CYS B 38 7.18 -3.67 6.81
CA CYS B 38 6.11 -4.33 7.56
CA CYS B 38 6.09 -4.35 7.53
C CYS B 38 6.57 -5.68 8.10
N GLN B 39 7.34 -6.41 7.31
CA GLN B 39 7.81 -7.74 7.69
CA GLN B 39 7.77 -7.73 7.74
C GLN B 39 8.81 -7.66 8.85
N ARG B 40 9.75 -6.72 8.80
CA ARG B 40 10.71 -6.49 9.89
CA ARG B 40 10.70 -6.61 9.90
C ARG B 40 10.03 -6.09 11.18
N LEU B 41 9.02 -5.23 11.05
CA LEU B 41 8.24 -4.82 12.22
C LEU B 41 7.49 -6.02 12.80
N GLY B 42 6.85 -6.80 11.94
CA GLY B 42 6.16 -8.02 12.35
C GLY B 42 7.03 -9.03 13.07
N GLN B 43 8.31 -9.09 12.71
CA GLN B 43 9.27 -9.99 13.33
C GLN B 43 9.51 -9.64 14.81
N ILE B 44 9.58 -8.35 15.10
CA ILE B 44 9.92 -7.87 16.44
CA ILE B 44 9.91 -7.86 16.45
C ILE B 44 8.67 -7.60 17.31
N LEU B 45 7.50 -7.43 16.68
CA LEU B 45 6.31 -7.05 17.44
CA LEU B 45 6.31 -7.06 17.44
C LEU B 45 5.93 -8.06 18.55
N PRO B 46 5.98 -9.37 18.25
CA PRO B 46 5.66 -10.34 19.32
C PRO B 46 6.47 -10.16 20.60
N SER B 47 7.77 -9.92 20.47
CA SER B 47 8.63 -9.63 21.62
C SER B 47 8.19 -8.38 22.37
N ILE B 48 7.85 -7.33 21.62
CA ILE B 48 7.41 -6.07 22.22
C ILE B 48 6.09 -6.30 22.97
N ALA B 49 5.23 -7.13 22.40
CA ALA B 49 3.91 -7.43 23.00
C ALA B 49 4.04 -8.31 24.23
N GLU B 50 4.92 -9.29 24.13
CA GLU B 50 5.24 -10.20 25.23
C GLU B 50 5.73 -9.41 26.44
N ALA B 51 6.55 -8.39 26.20
CA ALA B 51 7.10 -7.53 27.25
C ALA B 51 6.13 -6.47 27.78
N ASN B 52 5.05 -6.22 27.05
CA ASN B 52 4.12 -5.12 27.39
C ASN B 52 2.68 -5.62 27.43
N LYS B 53 2.42 -6.46 28.42
CA LYS B 53 1.13 -7.13 28.56
C LYS B 53 -0.05 -6.19 28.81
N ASP B 54 0.21 -5.01 29.36
CA ASP B 54 -0.84 -3.98 29.52
C ASP B 54 -1.25 -3.28 28.22
N VAL B 55 -0.47 -3.50 27.15
CA VAL B 55 -0.74 -2.90 25.83
C VAL B 55 -1.34 -3.96 24.90
N THR B 56 -2.34 -3.56 24.12
CA THR B 56 -2.99 -4.44 23.16
C THR B 56 -2.45 -4.14 21.77
N PHE B 57 -1.92 -5.15 21.09
CA PHE B 57 -1.33 -4.98 19.76
C PHE B 57 -2.25 -5.62 18.73
N ILE B 58 -2.78 -4.79 17.84
CA ILE B 58 -3.72 -5.25 16.83
C ILE B 58 -3.09 -5.09 15.46
N LYS B 59 -2.87 -6.20 14.78
CA LYS B 59 -2.42 -6.16 13.39
C LYS B 59 -3.61 -6.26 12.44
N VAL B 60 -3.58 -5.44 11.38
CA VAL B 60 -4.66 -5.36 10.40
C VAL B 60 -4.04 -5.43 8.99
N ASP B 61 -4.28 -6.54 8.32
CA ASP B 61 -3.75 -6.77 6.98
C ASP B 61 -4.58 -5.92 6.00
N VAL B 62 -3.92 -5.05 5.24
CA VAL B 62 -4.63 -4.12 4.35
C VAL B 62 -5.24 -4.79 3.12
N ASP B 63 -4.73 -5.95 2.75
CA ASP B 63 -5.25 -6.69 1.60
C ASP B 63 -6.55 -7.44 1.94
N LYS B 64 -6.63 -7.97 3.15
CA LYS B 64 -7.87 -8.66 3.55
CA LYS B 64 -7.82 -8.68 3.65
C LYS B 64 -8.84 -7.72 4.24
N ASN B 65 -8.36 -6.55 4.69
CA ASN B 65 -9.20 -5.56 5.37
C ASN B 65 -9.08 -4.17 4.77
N GLY B 66 -9.30 -4.08 3.46
CA GLY B 66 -9.09 -2.81 2.76
C GLY B 66 -10.07 -1.72 3.15
N ASN B 67 -11.33 -2.08 3.39
CA ASN B 67 -12.34 -1.13 3.86
C ASN B 67 -11.96 -0.48 5.18
N ALA B 68 -11.48 -1.27 6.14
CA ALA B 68 -11.02 -0.72 7.41
C ALA B 68 -9.82 0.21 7.23
N ALA B 69 -8.85 -0.23 6.44
CA ALA B 69 -7.65 0.54 6.14
C ALA B 69 -7.96 1.87 5.43
N ASP B 70 -8.88 1.81 4.48
CA ASP B 70 -9.30 3.00 3.74
C ASP B 70 -9.92 4.06 4.67
N ALA B 71 -10.75 3.61 5.60
CA ALA B 71 -11.33 4.50 6.62
C ALA B 71 -10.27 5.20 7.50
N TYR B 72 -9.10 4.56 7.68
CA TYR B 72 -7.96 5.19 8.40
C TYR B 72 -6.96 5.99 7.53
N GLY B 73 -7.19 6.11 6.22
CA GLY B 73 -6.32 6.91 5.37
C GLY B 73 -4.95 6.30 5.10
N VAL B 74 -4.89 4.98 5.19
CA VAL B 74 -3.62 4.28 5.12
C VAL B 74 -3.06 4.31 3.70
N SER B 75 -1.87 4.88 3.55
CA SER B 75 -1.18 4.92 2.27
CA SER B 75 -1.18 4.93 2.28
C SER B 75 0.21 4.31 2.42
N SER B 76 1.10 5.02 3.11
CA SER B 76 2.35 4.43 3.44
C SER B 76 2.04 3.37 4.50
N ILE B 77 2.79 2.27 4.47
CA ILE B 77 2.71 1.23 5.47
C ILE B 77 4.15 0.86 5.87
N PRO B 78 4.33 0.32 7.07
CA PRO B 78 3.29 0.04 8.06
C PRO B 78 2.71 1.35 8.60
N ALA B 79 1.42 1.36 8.90
CA ALA B 79 0.76 2.54 9.45
C ALA B 79 0.38 2.24 10.88
N LEU B 80 1.02 2.97 11.81
CA LEU B 80 0.88 2.77 13.26
C LEU B 80 -0.01 3.84 13.89
N PHE B 81 -0.93 3.41 14.74
CA PHE B 81 -1.81 4.29 15.49
C PHE B 81 -1.83 3.84 16.96
N PHE B 82 -1.32 4.69 17.85
CA PHE B 82 -1.48 4.49 19.29
C PHE B 82 -2.77 5.16 19.72
N VAL B 83 -3.67 4.38 20.32
CA VAL B 83 -4.97 4.88 20.71
C VAL B 83 -5.36 4.35 22.08
N LYS B 84 -6.31 5.04 22.70
CA LYS B 84 -6.83 4.67 24.01
C LYS B 84 -8.28 5.10 24.09
N LYS B 85 -9.12 4.26 24.67
CA LYS B 85 -10.49 4.66 24.94
C LYS B 85 -10.46 5.68 26.07
N GLU B 86 -11.11 6.81 25.84
CA GLU B 86 -11.37 7.78 26.90
C GLU B 86 -12.83 8.19 26.84
N GLY B 87 -13.60 7.76 27.85
CA GLY B 87 -15.05 7.84 27.80
C GLY B 87 -15.53 6.78 26.83
N ASN B 88 -16.45 7.16 25.94
CA ASN B 88 -16.94 6.27 24.88
C ASN B 88 -16.33 6.63 23.53
N GLU B 89 -15.17 7.28 23.56
CA GLU B 89 -14.49 7.69 22.36
C GLU B 89 -13.09 7.15 22.36
N ILE B 90 -12.51 7.07 21.17
CA ILE B 90 -11.15 6.64 21.02
C ILE B 90 -10.27 7.87 20.81
N LYS B 91 -9.29 8.05 21.69
CA LYS B 91 -8.29 9.10 21.54
CA LYS B 91 -8.29 9.09 21.53
C LYS B 91 -7.06 8.55 20.79
N THR B 92 -6.58 9.29 19.81
CA THR B 92 -5.34 8.95 19.11
C THR B 92 -4.20 9.68 19.83
N LEU B 93 -3.24 8.91 20.32
CA LEU B 93 -2.14 9.46 21.11
CA LEU B 93 -2.12 9.44 21.11
C LEU B 93 -0.91 9.72 20.25
N ASP B 94 -0.70 8.89 19.22
CA ASP B 94 0.33 9.12 18.24
C ASP B 94 -0.02 8.37 16.98
N GLN B 95 0.42 8.89 15.84
CA GLN B 95 0.30 8.14 14.60
C GLN B 95 1.45 8.44 13.68
N PHE B 96 1.93 7.41 12.99
CA PHE B 96 3.03 7.60 12.07
C PHE B 96 3.09 6.44 11.11
N VAL B 97 3.96 6.57 10.11
CA VAL B 97 4.16 5.50 9.14
CA VAL B 97 4.16 5.53 9.14
C VAL B 97 5.63 5.12 9.10
N GLY B 98 5.87 3.85 8.81
CA GLY B 98 7.21 3.29 8.69
C GLY B 98 7.51 2.42 9.88
N ALA B 99 8.51 1.55 9.74
CA ALA B 99 8.85 0.60 10.82
C ALA B 99 9.79 1.27 11.83
N ASP B 100 9.25 2.29 12.51
CA ASP B 100 10.03 3.08 13.45
C ASP B 100 9.92 2.44 14.81
N VAL B 101 10.73 1.40 15.01
CA VAL B 101 10.69 0.61 16.22
C VAL B 101 11.06 1.45 17.46
N SER B 102 12.05 2.34 17.31
CA SER B 102 12.45 3.17 18.43
CA SER B 102 12.48 3.23 18.38
C SER B 102 11.29 4.03 18.90
N ARG B 103 10.53 4.60 17.97
CA ARG B 103 9.38 5.42 18.32
CA ARG B 103 9.35 5.40 18.28
C ARG B 103 8.25 4.59 18.93
N ILE B 104 8.06 3.36 18.45
CA ILE B 104 7.06 2.47 19.05
C ILE B 104 7.42 2.24 20.52
N LYS B 105 8.69 1.92 20.77
CA LYS B 105 9.15 1.62 22.13
C LYS B 105 9.11 2.85 23.05
N ALA B 106 9.48 4.00 22.51
CA ALA B 106 9.43 5.25 23.28
C ALA B 106 8.00 5.64 23.64
N ASP B 107 7.10 5.53 22.69
CA ASP B 107 5.67 5.81 22.89
C ASP B 107 5.07 4.91 23.99
N ILE B 108 5.41 3.63 23.95
CA ILE B 108 4.95 2.68 24.98
C ILE B 108 5.37 3.15 26.38
N GLU B 109 6.64 3.54 26.52
CA GLU B 109 7.13 4.08 27.80
CA GLU B 109 7.09 4.03 27.81
C GLU B 109 6.45 5.40 28.14
N LYS B 110 6.28 6.25 27.14
CA LYS B 110 5.67 7.57 27.32
C LYS B 110 4.26 7.46 27.86
N PHE B 111 3.43 6.69 27.17
CA PHE B 111 2.01 6.71 27.48
C PHE B 111 1.72 6.04 28.82
N LYS B 112 2.53 5.05 29.18
CA LYS B 112 2.55 4.54 30.56
C LYS B 112 3.63 3.46 30.70
#